data_3QX8
#
_entry.id   3QX8
#
_cell.length_a   40.686
_cell.length_b   46.967
_cell.length_c   66.119
_cell.angle_alpha   86.09
_cell.angle_beta   73.33
_cell.angle_gamma   83.38
#
_symmetry.space_group_name_H-M   'P 1'
#
loop_
_entity.id
_entity.type
_entity.pdbx_description
1 polymer 'Protein argonaute-2'
2 non-polymer "7-METHYL-GUANOSINE-5'-TRIPHOSPHATE-5'-GUANOSINE"
3 water water
#
_entity_poly.entity_id   1
_entity_poly.type   'polypeptide(L)'
_entity_poly.pdbx_seq_one_letter_code
;SNKQFHTGIEIKVWAIACFAPQRQCTEVHLKSFTEQLRKISRDAGMPIQGQPCFCKYAQGADSVEPMFRHLKNTYAGLQL
VVVILPGKTPVYAEVKRVGDTVLGMATQCVQMKNVQRTTPQTLSNLCLKINVKLGGVN
;
_entity_poly.pdbx_strand_id   A,B,C
#
# COMPACT_ATOMS: atom_id res chain seq x y z
N LYS A 3 14.12 -28.61 25.77
CA LYS A 3 15.08 -28.32 26.88
C LYS A 3 14.40 -27.34 27.85
N GLN A 4 14.89 -27.28 29.09
CA GLN A 4 14.33 -26.39 30.09
C GLN A 4 14.58 -24.90 29.81
N PHE A 5 13.59 -24.08 30.15
CA PHE A 5 13.64 -22.63 29.96
C PHE A 5 14.56 -22.02 31.03
N HIS A 6 15.37 -21.05 30.63
CA HIS A 6 16.31 -20.39 31.54
C HIS A 6 15.90 -18.97 31.90
N THR A 7 15.88 -18.65 33.19
CA THR A 7 15.53 -17.30 33.61
C THR A 7 16.83 -16.61 33.95
N GLY A 8 16.76 -15.31 34.25
CA GLY A 8 17.96 -14.57 34.57
C GLY A 8 18.61 -14.02 33.31
N ILE A 9 17.94 -14.22 32.18
CA ILE A 9 18.43 -13.73 30.90
C ILE A 9 17.86 -12.34 30.65
N GLU A 10 18.74 -11.42 30.27
CA GLU A 10 18.35 -10.04 29.95
C GLU A 10 19.15 -9.59 28.74
N ILE A 11 18.45 -9.28 27.65
CA ILE A 11 19.13 -8.83 26.45
C ILE A 11 19.06 -7.31 26.32
N LYS A 12 20.20 -6.66 26.52
CA LYS A 12 20.29 -5.21 26.44
C LYS A 12 20.97 -4.70 25.18
N VAL A 13 22.05 -5.35 24.77
CA VAL A 13 22.75 -4.91 23.56
C VAL A 13 22.52 -5.90 22.43
N TRP A 14 21.64 -5.56 21.50
CA TRP A 14 21.39 -6.45 20.39
C TRP A 14 21.19 -5.66 19.10
N ALA A 15 21.47 -6.31 17.98
CA ALA A 15 21.35 -5.66 16.71
C ALA A 15 20.43 -6.39 15.76
N ILE A 16 19.93 -5.66 14.78
CA ILE A 16 19.07 -6.24 13.75
C ILE A 16 19.77 -6.08 12.42
N ALA A 17 19.88 -7.17 11.68
CA ALA A 17 20.51 -7.13 10.36
C ALA A 17 19.43 -7.62 9.41
N CYS A 18 18.89 -6.72 8.60
CA CYS A 18 17.83 -7.13 7.70
C CYS A 18 18.31 -7.38 6.29
N PHE A 19 18.39 -8.66 5.91
CA PHE A 19 18.83 -9.01 4.57
C PHE A 19 17.67 -9.11 3.61
N ALA A 20 16.50 -8.70 4.10
CA ALA A 20 15.31 -8.71 3.27
C ALA A 20 15.24 -7.32 2.70
N PRO A 21 14.74 -7.17 1.46
CA PRO A 21 14.63 -5.85 0.86
C PRO A 21 13.71 -4.95 1.68
N GLN A 22 14.09 -3.69 1.84
CA GLN A 22 13.28 -2.75 2.59
C GLN A 22 11.87 -2.63 2.05
N ARG A 23 11.75 -2.62 0.72
CA ARG A 23 10.45 -2.49 0.06
C ARG A 23 9.49 -3.63 0.40
N GLN A 24 10.01 -4.71 0.96
CA GLN A 24 9.16 -5.84 1.33
C GLN A 24 9.00 -5.88 2.84
N CYS A 25 10.07 -5.56 3.54
CA CYS A 25 10.11 -5.56 5.00
C CYS A 25 10.53 -4.16 5.42
N THR A 26 9.56 -3.24 5.45
CA THR A 26 9.79 -1.83 5.79
C THR A 26 10.16 -1.57 7.25
N GLU A 27 10.41 -0.30 7.56
CA GLU A 27 10.81 0.11 8.90
C GLU A 27 9.71 -0.12 9.92
N VAL A 28 8.45 0.08 9.53
CA VAL A 28 7.35 -0.13 10.47
C VAL A 28 7.22 -1.61 10.79
N HIS A 29 7.54 -2.45 9.81
CA HIS A 29 7.50 -3.90 10.01
C HIS A 29 8.54 -4.27 11.08
N LEU A 30 9.71 -3.65 10.97
CA LEU A 30 10.80 -3.91 11.91
C LEU A 30 10.49 -3.44 13.33
N LYS A 31 9.97 -2.22 13.47
CA LYS A 31 9.67 -1.68 14.79
C LYS A 31 8.46 -2.36 15.41
N SER A 32 7.55 -2.84 14.57
CA SER A 32 6.36 -3.54 15.06
C SER A 32 6.78 -4.92 15.55
N PHE A 33 7.59 -5.59 14.74
CA PHE A 33 8.09 -6.92 15.06
C PHE A 33 8.90 -6.85 16.36
N THR A 34 9.69 -5.80 16.48
CA THR A 34 10.53 -5.58 17.65
C THR A 34 9.70 -5.27 18.91
N GLU A 35 8.67 -4.44 18.76
CA GLU A 35 7.79 -4.09 19.88
C GLU A 35 7.07 -5.33 20.40
N GLN A 36 6.60 -6.19 19.50
CA GLN A 36 5.90 -7.42 19.88
C GLN A 36 6.88 -8.37 20.59
N LEU A 37 8.09 -8.50 20.03
CA LEU A 37 9.13 -9.35 20.61
C LEU A 37 9.52 -8.87 22.01
N ARG A 38 9.52 -7.55 22.21
CA ARG A 38 9.87 -6.96 23.50
C ARG A 38 8.88 -7.34 24.58
N LYS A 39 7.60 -7.24 24.25
CA LYS A 39 6.54 -7.56 25.19
C LYS A 39 6.47 -9.03 25.61
N ILE A 40 6.53 -9.94 24.63
CA ILE A 40 6.43 -11.36 24.95
C ILE A 40 7.69 -11.93 25.62
N SER A 41 8.85 -11.41 25.24
CA SER A 41 10.09 -11.88 25.86
C SER A 41 10.12 -11.31 27.28
N ARG A 42 9.47 -10.17 27.49
CA ARG A 42 9.40 -9.55 28.81
C ARG A 42 8.51 -10.41 29.68
N ASP A 43 7.31 -10.71 29.15
CA ASP A 43 6.34 -11.53 29.85
C ASP A 43 6.84 -12.93 30.16
N ALA A 44 7.84 -13.39 29.41
CA ALA A 44 8.39 -14.73 29.64
C ALA A 44 9.56 -14.74 30.62
N GLY A 45 9.94 -13.56 31.11
CA GLY A 45 11.04 -13.49 32.05
C GLY A 45 12.42 -13.45 31.40
N MET A 46 12.45 -13.22 30.09
CA MET A 46 13.70 -13.13 29.35
C MET A 46 13.64 -11.84 28.51
N PRO A 47 13.44 -10.70 29.17
CA PRO A 47 13.33 -9.39 28.53
C PRO A 47 14.39 -9.00 27.50
N ILE A 48 13.92 -8.54 26.34
CA ILE A 48 14.78 -8.07 25.25
C ILE A 48 14.44 -6.58 25.17
N GLN A 49 15.41 -5.70 25.36
CA GLN A 49 15.08 -4.29 25.32
C GLN A 49 14.66 -3.86 23.92
N GLY A 50 13.46 -3.26 23.86
CA GLY A 50 12.87 -2.81 22.63
C GLY A 50 13.67 -1.90 21.73
N GLN A 51 14.85 -1.47 22.16
CA GLN A 51 15.66 -0.60 21.33
C GLN A 51 16.99 -1.23 20.95
N PRO A 52 17.10 -1.73 19.70
CA PRO A 52 18.36 -2.35 19.28
C PRO A 52 19.40 -1.27 19.09
N CYS A 53 20.66 -1.60 19.34
CA CYS A 53 21.74 -0.65 19.21
C CYS A 53 22.10 -0.42 17.75
N PHE A 54 21.47 -1.18 16.86
CA PHE A 54 21.81 -1.08 15.44
C PHE A 54 20.72 -1.77 14.63
N CYS A 55 20.32 -1.14 13.55
CA CYS A 55 19.32 -1.73 12.68
C CYS A 55 19.56 -1.21 11.28
N LYS A 56 19.97 -2.10 10.38
CA LYS A 56 20.24 -1.71 8.99
C LYS A 56 19.93 -2.80 7.96
N TYR A 57 19.69 -2.37 6.72
CA TYR A 57 19.41 -3.28 5.63
C TYR A 57 20.72 -3.61 4.94
N ALA A 58 20.81 -4.80 4.35
CA ALA A 58 22.02 -5.21 3.64
C ALA A 58 21.61 -6.21 2.57
N GLN A 59 22.50 -6.48 1.62
CA GLN A 59 22.18 -7.43 0.57
C GLN A 59 23.32 -8.35 0.23
N GLY A 60 23.01 -9.62 0.02
CA GLY A 60 24.00 -10.60 -0.35
C GLY A 60 24.86 -11.11 0.77
N ALA A 61 25.21 -12.39 0.65
CA ALA A 61 26.06 -13.09 1.61
C ALA A 61 27.35 -12.33 1.84
N ASP A 62 27.88 -11.72 0.78
CA ASP A 62 29.12 -10.98 0.88
C ASP A 62 29.08 -9.81 1.84
N SER A 63 27.88 -9.35 2.17
CA SER A 63 27.71 -8.23 3.08
C SER A 63 27.87 -8.64 4.54
N VAL A 64 27.62 -9.92 4.80
CA VAL A 64 27.66 -10.48 6.13
C VAL A 64 28.92 -10.23 6.95
N GLU A 65 30.06 -10.73 6.47
CA GLU A 65 31.29 -10.57 7.23
C GLU A 65 31.62 -9.11 7.54
N PRO A 66 31.59 -8.23 6.52
CA PRO A 66 31.89 -6.83 6.80
C PRO A 66 30.97 -6.26 7.87
N MET A 67 29.67 -6.52 7.76
CA MET A 67 28.72 -5.99 8.74
C MET A 67 28.95 -6.53 10.16
N PHE A 68 29.16 -7.84 10.26
CA PHE A 68 29.40 -8.46 11.56
C PHE A 68 30.70 -7.94 12.16
N ARG A 69 31.73 -7.84 11.34
CA ARG A 69 32.98 -7.33 11.85
C ARG A 69 32.73 -5.92 12.38
N HIS A 70 31.96 -5.12 11.63
CA HIS A 70 31.64 -3.75 12.05
C HIS A 70 30.96 -3.74 13.41
N LEU A 71 29.94 -4.58 13.56
CA LEU A 71 29.19 -4.66 14.81
C LEU A 71 30.09 -5.02 15.99
N LYS A 72 30.91 -6.05 15.80
CA LYS A 72 31.82 -6.53 16.82
C LYS A 72 32.80 -5.47 17.28
N ASN A 73 33.18 -4.58 16.35
CA ASN A 73 34.12 -3.52 16.67
C ASN A 73 33.45 -2.24 17.13
N THR A 74 32.12 -2.20 17.11
CA THR A 74 31.42 -0.97 17.49
C THR A 74 30.66 -1.01 18.80
N TYR A 75 29.91 -2.09 19.03
CA TYR A 75 29.10 -2.23 20.23
C TYR A 75 29.65 -3.25 21.20
N ALA A 76 30.23 -2.76 22.29
CA ALA A 76 30.77 -3.66 23.30
C ALA A 76 29.60 -4.30 24.05
N GLY A 77 29.75 -5.56 24.42
CA GLY A 77 28.69 -6.24 25.15
C GLY A 77 27.59 -6.77 24.26
N LEU A 78 27.72 -6.57 22.95
CA LEU A 78 26.73 -7.03 22.00
C LEU A 78 26.43 -8.48 22.34
N GLN A 79 25.16 -8.76 22.64
CA GLN A 79 24.72 -10.10 23.00
C GLN A 79 24.09 -10.89 21.89
N LEU A 80 23.48 -10.20 20.93
CA LEU A 80 22.79 -10.92 19.87
C LEU A 80 22.53 -10.13 18.60
N VAL A 81 22.53 -10.85 17.49
CA VAL A 81 22.24 -10.25 16.20
C VAL A 81 21.03 -10.99 15.64
N VAL A 82 19.92 -10.27 15.49
CA VAL A 82 18.72 -10.87 14.93
C VAL A 82 18.83 -10.62 13.44
N VAL A 83 18.88 -11.71 12.69
CA VAL A 83 19.05 -11.65 11.25
C VAL A 83 17.79 -12.02 10.46
N ILE A 84 17.24 -11.05 9.73
CA ILE A 84 16.04 -11.31 8.94
C ILE A 84 16.45 -11.76 7.54
N LEU A 85 15.96 -12.93 7.12
CA LEU A 85 16.27 -13.49 5.82
C LEU A 85 15.06 -13.48 4.91
N PRO A 86 15.27 -13.28 3.60
CA PRO A 86 14.19 -13.25 2.60
C PRO A 86 13.98 -14.65 2.00
N GLY A 87 13.42 -15.57 2.79
CA GLY A 87 13.24 -16.92 2.29
C GLY A 87 14.59 -17.62 2.24
N LYS A 88 14.68 -18.78 1.57
CA LYS A 88 15.95 -19.50 1.48
C LYS A 88 17.00 -18.73 0.71
N THR A 89 18.17 -18.58 1.34
CA THR A 89 19.29 -17.82 0.78
C THR A 89 20.62 -18.29 1.36
N PRO A 90 21.72 -18.11 0.62
CA PRO A 90 23.02 -18.53 1.14
C PRO A 90 23.45 -17.60 2.27
N VAL A 91 22.69 -16.54 2.47
CA VAL A 91 22.97 -15.57 3.54
C VAL A 91 23.02 -16.28 4.88
N TYR A 92 22.11 -17.24 5.06
CA TYR A 92 22.02 -18.03 6.27
C TYR A 92 23.33 -18.76 6.58
N ALA A 93 23.82 -19.54 5.61
CA ALA A 93 25.06 -20.28 5.79
C ALA A 93 26.15 -19.32 6.19
N GLU A 94 26.25 -18.22 5.46
CA GLU A 94 27.26 -17.21 5.72
C GLU A 94 27.09 -16.57 7.11
N VAL A 95 25.84 -16.25 7.47
CA VAL A 95 25.58 -15.66 8.78
C VAL A 95 26.10 -16.60 9.85
N LYS A 96 25.85 -17.91 9.67
CA LYS A 96 26.30 -18.90 10.63
C LYS A 96 27.81 -19.11 10.56
N ARG A 97 28.36 -19.14 9.35
CA ARG A 97 29.80 -19.32 9.22
C ARG A 97 30.52 -18.22 9.99
N VAL A 98 30.05 -16.99 9.83
CA VAL A 98 30.70 -15.85 10.46
C VAL A 98 30.45 -15.71 11.96
N GLY A 99 29.21 -15.90 12.39
CA GLY A 99 28.88 -15.77 13.80
C GLY A 99 29.40 -16.92 14.64
N ASP A 100 29.21 -18.14 14.14
CA ASP A 100 29.64 -19.31 14.86
C ASP A 100 31.13 -19.67 14.79
N THR A 101 31.66 -19.87 13.59
CA THR A 101 33.07 -20.27 13.47
C THR A 101 34.13 -19.19 13.27
N VAL A 102 33.73 -17.95 13.04
CA VAL A 102 34.71 -16.89 12.81
C VAL A 102 34.85 -15.82 13.91
N LEU A 103 33.75 -15.17 14.28
CA LEU A 103 33.79 -14.09 15.28
C LEU A 103 33.23 -14.40 16.66
N GLY A 104 32.60 -15.56 16.82
CA GLY A 104 32.02 -15.88 18.12
C GLY A 104 30.91 -14.91 18.45
N MET A 105 29.94 -14.81 17.56
CA MET A 105 28.82 -13.92 17.76
C MET A 105 27.50 -14.68 17.68
N ALA A 106 26.70 -14.51 18.72
CA ALA A 106 25.40 -15.16 18.79
C ALA A 106 24.46 -14.55 17.74
N THR A 107 23.84 -15.41 16.96
CA THR A 107 22.94 -14.93 15.94
C THR A 107 21.64 -15.73 15.97
N GLN A 108 20.56 -15.05 15.63
CA GLN A 108 19.25 -15.67 15.57
C GLN A 108 18.59 -15.23 14.28
N CYS A 109 18.30 -16.19 13.42
CA CYS A 109 17.67 -15.88 12.16
C CYS A 109 16.17 -16.02 12.29
N VAL A 110 15.46 -15.28 11.44
CA VAL A 110 14.02 -15.32 11.40
C VAL A 110 13.58 -14.98 9.99
N GLN A 111 12.52 -15.64 9.54
CA GLN A 111 11.99 -15.40 8.21
C GLN A 111 11.31 -14.05 8.11
N MET A 112 11.46 -13.42 6.94
CA MET A 112 10.87 -12.12 6.64
C MET A 112 9.36 -12.09 6.83
N LYS A 113 8.69 -13.17 6.43
CA LYS A 113 7.24 -13.25 6.53
C LYS A 113 6.77 -13.19 7.97
N ASN A 114 7.61 -13.64 8.90
CA ASN A 114 7.25 -13.62 10.30
C ASN A 114 7.51 -12.28 10.93
N VAL A 115 8.22 -11.42 10.21
CA VAL A 115 8.50 -10.08 10.72
C VAL A 115 7.45 -9.14 10.12
N GLN A 116 6.99 -9.45 8.90
CA GLN A 116 5.97 -8.66 8.24
C GLN A 116 4.66 -8.88 8.96
N ARG A 117 4.44 -10.13 9.35
CA ARG A 117 3.24 -10.52 10.06
C ARG A 117 3.63 -11.37 11.25
N THR A 118 3.55 -10.80 12.45
CA THR A 118 3.92 -11.56 13.62
C THR A 118 2.70 -12.28 14.18
N THR A 119 2.97 -13.39 14.86
CA THR A 119 1.94 -14.19 15.51
C THR A 119 2.54 -14.55 16.87
N PRO A 120 1.68 -14.77 17.87
CA PRO A 120 2.21 -15.12 19.19
C PRO A 120 3.06 -16.39 19.16
N GLN A 121 2.69 -17.33 18.29
CA GLN A 121 3.42 -18.59 18.20
C GLN A 121 4.79 -18.46 17.60
N THR A 122 4.91 -17.63 16.56
CA THR A 122 6.22 -17.45 15.94
C THR A 122 7.14 -16.67 16.86
N LEU A 123 6.62 -15.61 17.48
CA LEU A 123 7.42 -14.81 18.41
C LEU A 123 7.86 -15.73 19.54
N SER A 124 6.99 -16.68 19.90
CA SER A 124 7.29 -17.64 20.96
C SER A 124 8.43 -18.57 20.51
N ASN A 125 8.30 -19.15 19.32
CA ASN A 125 9.35 -20.03 18.80
C ASN A 125 10.69 -19.29 18.86
N LEU A 126 10.65 -18.01 18.47
CA LEU A 126 11.83 -17.17 18.48
C LEU A 126 12.40 -17.00 19.89
N CYS A 127 11.56 -16.64 20.87
CA CYS A 127 12.05 -16.48 22.24
C CYS A 127 12.68 -17.77 22.79
N LEU A 128 12.15 -18.91 22.35
CA LEU A 128 12.68 -20.18 22.80
C LEU A 128 14.04 -20.44 22.15
N LYS A 129 14.15 -20.21 20.84
CA LYS A 129 15.43 -20.43 20.20
C LYS A 129 16.47 -19.49 20.79
N ILE A 130 16.05 -18.25 21.06
CA ILE A 130 16.95 -17.26 21.65
C ILE A 130 17.33 -17.67 23.07
N ASN A 131 16.37 -18.22 23.80
CA ASN A 131 16.64 -18.62 25.16
C ASN A 131 17.65 -19.75 25.24
N VAL A 132 17.57 -20.70 24.32
CA VAL A 132 18.51 -21.80 24.31
C VAL A 132 19.90 -21.27 24.00
N LYS A 133 19.99 -20.36 23.03
CA LYS A 133 21.26 -19.79 22.61
C LYS A 133 22.04 -18.98 23.65
N LEU A 134 21.35 -18.18 24.45
CA LEU A 134 22.05 -17.37 25.45
C LEU A 134 21.84 -17.94 26.84
N GLY A 135 21.12 -19.06 26.91
CA GLY A 135 20.84 -19.68 28.19
C GLY A 135 22.04 -20.38 28.80
N LYS B 3 11.53 6.60 20.44
CA LYS B 3 10.05 6.50 20.61
C LYS B 3 9.57 5.06 20.50
N GLN B 4 8.83 4.62 21.50
CA GLN B 4 8.30 3.27 21.51
C GLN B 4 7.15 3.15 20.52
N PHE B 5 7.22 2.10 19.69
CA PHE B 5 6.17 1.86 18.71
C PHE B 5 5.06 1.20 19.51
N HIS B 6 3.83 1.44 19.14
CA HIS B 6 2.72 0.86 19.88
C HIS B 6 1.92 -0.10 19.03
N THR B 7 1.79 -1.34 19.49
CA THR B 7 1.04 -2.34 18.75
C THR B 7 -0.27 -2.66 19.44
N GLY B 8 -1.16 -3.33 18.72
CA GLY B 8 -2.46 -3.68 19.27
C GLY B 8 -3.47 -2.55 19.24
N ILE B 9 -3.12 -1.42 18.62
CA ILE B 9 -4.04 -0.29 18.55
C ILE B 9 -4.89 -0.32 17.28
N GLU B 10 -6.08 0.26 17.38
CA GLU B 10 -7.00 0.26 16.25
C GLU B 10 -7.61 1.62 15.93
N ILE B 11 -7.42 2.05 14.69
CA ILE B 11 -7.99 3.30 14.22
C ILE B 11 -9.23 2.87 13.47
N LYS B 12 -10.36 2.96 14.16
CA LYS B 12 -11.64 2.57 13.59
C LYS B 12 -12.34 3.78 12.99
N VAL B 13 -12.14 4.94 13.59
CA VAL B 13 -12.77 6.15 13.10
C VAL B 13 -11.77 7.23 12.69
N TRP B 14 -11.60 7.37 11.38
CA TRP B 14 -10.69 8.34 10.83
C TRP B 14 -11.25 8.91 9.52
N ALA B 15 -10.75 10.08 9.14
CA ALA B 15 -11.22 10.72 7.93
C ALA B 15 -10.10 11.36 7.13
N ILE B 16 -10.31 11.44 5.83
CA ILE B 16 -9.34 12.03 4.91
C ILE B 16 -9.81 13.43 4.60
N ALA B 17 -8.89 14.39 4.58
CA ALA B 17 -9.21 15.76 4.25
C ALA B 17 -8.15 16.15 3.23
N CYS B 18 -8.53 16.12 1.94
CA CYS B 18 -7.60 16.43 0.85
C CYS B 18 -7.62 17.89 0.46
N PHE B 19 -6.51 18.57 0.68
CA PHE B 19 -6.44 19.99 0.33
C PHE B 19 -5.80 20.20 -1.03
N ALA B 20 -5.39 19.12 -1.67
CA ALA B 20 -4.82 19.20 -3.01
C ALA B 20 -6.06 19.07 -3.90
N PRO B 21 -6.02 19.64 -5.12
CA PRO B 21 -7.17 19.54 -6.01
C PRO B 21 -7.46 18.10 -6.40
N GLN B 22 -8.72 17.77 -6.68
CA GLN B 22 -9.02 16.42 -7.08
C GLN B 22 -8.49 16.14 -8.47
N ARG B 23 -8.24 17.19 -9.25
CA ARG B 23 -7.70 17.00 -10.59
C ARG B 23 -6.34 16.33 -10.48
N GLN B 24 -5.66 16.53 -9.35
CA GLN B 24 -4.35 15.94 -9.13
C GLN B 24 -4.43 14.68 -8.28
N CYS B 25 -5.30 14.73 -7.28
CA CYS B 25 -5.46 13.61 -6.37
C CYS B 25 -6.88 13.07 -6.49
N THR B 26 -7.10 12.20 -7.45
CA THR B 26 -8.43 11.65 -7.71
C THR B 26 -8.95 10.62 -6.72
N GLU B 27 -10.21 10.24 -6.90
CA GLU B 27 -10.84 9.27 -6.03
C GLU B 27 -10.11 7.94 -6.07
N VAL B 28 -9.75 7.48 -7.26
CA VAL B 28 -9.05 6.21 -7.38
C VAL B 28 -7.70 6.32 -6.66
N HIS B 29 -7.11 7.50 -6.67
CA HIS B 29 -5.84 7.72 -5.98
C HIS B 29 -6.06 7.51 -4.48
N LEU B 30 -7.07 8.20 -3.95
CA LEU B 30 -7.40 8.12 -2.53
C LEU B 30 -7.77 6.70 -2.11
N LYS B 31 -8.54 6.01 -2.94
CA LYS B 31 -8.97 4.66 -2.60
C LYS B 31 -7.85 3.65 -2.62
N SER B 32 -7.00 3.71 -3.63
CA SER B 32 -5.88 2.79 -3.73
C SER B 32 -4.97 3.02 -2.53
N PHE B 33 -4.69 4.29 -2.26
CA PHE B 33 -3.87 4.69 -1.14
C PHE B 33 -4.45 4.15 0.18
N THR B 34 -5.75 4.37 0.38
CA THR B 34 -6.40 3.90 1.60
C THR B 34 -6.31 2.38 1.74
N GLU B 35 -6.35 1.69 0.62
CA GLU B 35 -6.28 0.22 0.62
C GLU B 35 -4.89 -0.30 0.98
N GLN B 36 -3.87 0.33 0.42
CA GLN B 36 -2.49 -0.06 0.69
C GLN B 36 -2.15 0.32 2.11
N LEU B 37 -2.72 1.43 2.58
CA LEU B 37 -2.47 1.88 3.94
C LEU B 37 -3.13 0.91 4.91
N ARG B 38 -4.29 0.41 4.53
CA ARG B 38 -5.02 -0.52 5.36
C ARG B 38 -4.21 -1.78 5.60
N LYS B 39 -3.71 -2.36 4.52
CA LYS B 39 -2.94 -3.59 4.59
C LYS B 39 -1.65 -3.47 5.38
N ILE B 40 -0.82 -2.47 5.08
CA ILE B 40 0.42 -2.36 5.84
C ILE B 40 0.16 -2.06 7.34
N SER B 41 -0.75 -1.13 7.64
CA SER B 41 -1.04 -0.79 9.03
C SER B 41 -1.53 -2.01 9.81
N ARG B 42 -2.22 -2.91 9.12
CA ARG B 42 -2.73 -4.13 9.74
C ARG B 42 -1.55 -5.04 10.09
N ASP B 43 -0.70 -5.33 9.11
CA ASP B 43 0.48 -6.18 9.31
C ASP B 43 1.33 -5.66 10.45
N ALA B 44 1.34 -4.34 10.64
CA ALA B 44 2.16 -3.73 11.68
C ALA B 44 1.47 -3.58 13.03
N GLY B 45 0.37 -4.31 13.23
CA GLY B 45 -0.34 -4.26 14.48
C GLY B 45 -1.01 -2.95 14.88
N MET B 46 -1.20 -2.05 13.93
CA MET B 46 -1.85 -0.77 14.19
C MET B 46 -2.86 -0.57 13.08
N PRO B 47 -3.70 -1.59 12.83
CA PRO B 47 -4.71 -1.54 11.78
C PRO B 47 -5.52 -0.25 11.70
N ILE B 48 -5.68 0.23 10.47
CA ILE B 48 -6.48 1.41 10.18
C ILE B 48 -7.64 0.87 9.36
N GLN B 49 -8.86 1.16 9.80
CA GLN B 49 -10.06 0.70 9.10
C GLN B 49 -10.06 1.11 7.63
N GLY B 50 -10.23 0.12 6.74
CA GLY B 50 -10.24 0.38 5.31
C GLY B 50 -11.34 1.29 4.80
N GLN B 51 -12.04 1.98 5.69
CA GLN B 51 -13.10 2.87 5.25
C GLN B 51 -13.20 4.15 6.06
N PRO B 52 -12.65 5.27 5.53
CA PRO B 52 -12.72 6.52 6.28
C PRO B 52 -14.19 6.85 6.46
N CYS B 53 -14.51 7.59 7.52
CA CYS B 53 -15.89 7.96 7.80
C CYS B 53 -16.25 9.22 7.01
N PHE B 54 -15.21 9.91 6.56
CA PHE B 54 -15.37 11.18 5.86
C PHE B 54 -14.19 11.38 4.92
N CYS B 55 -14.48 11.67 3.66
CA CYS B 55 -13.43 11.91 2.67
C CYS B 55 -13.87 13.01 1.71
N LYS B 56 -13.47 14.25 2.00
CA LYS B 56 -13.85 15.38 1.17
C LYS B 56 -12.71 16.36 0.84
N TYR B 57 -12.89 17.13 -0.22
CA TYR B 57 -11.91 18.10 -0.67
C TYR B 57 -12.18 19.48 -0.07
N ALA B 58 -11.15 20.32 -0.08
CA ALA B 58 -11.25 21.67 0.45
C ALA B 58 -10.08 22.52 -0.05
N GLN B 59 -10.18 23.84 0.18
CA GLN B 59 -9.13 24.79 -0.23
C GLN B 59 -9.03 26.00 0.68
N GLY B 60 -7.82 26.32 1.10
CA GLY B 60 -7.60 27.47 1.96
C GLY B 60 -7.81 27.24 3.44
N ALA B 61 -7.06 27.97 4.25
CA ALA B 61 -7.14 27.87 5.70
C ALA B 61 -8.49 28.29 6.26
N ASP B 62 -9.25 29.04 5.46
CA ASP B 62 -10.57 29.52 5.86
C ASP B 62 -11.57 28.38 5.84
N SER B 63 -11.13 27.22 5.35
CA SER B 63 -11.99 26.05 5.26
C SER B 63 -11.52 24.97 6.23
N VAL B 64 -10.37 25.19 6.85
CA VAL B 64 -9.83 24.21 7.79
C VAL B 64 -10.66 24.15 9.10
N GLU B 65 -10.63 25.23 9.86
CA GLU B 65 -11.34 25.29 11.13
C GLU B 65 -12.80 24.87 10.98
N PRO B 66 -13.51 25.43 9.98
CA PRO B 66 -14.92 25.09 9.75
C PRO B 66 -15.12 23.61 9.41
N MET B 67 -14.19 23.01 8.68
CA MET B 67 -14.28 21.62 8.29
C MET B 67 -14.07 20.67 9.48
N PHE B 68 -13.00 20.90 10.22
CA PHE B 68 -12.68 20.07 11.38
C PHE B 68 -13.77 20.17 12.44
N ARG B 69 -14.40 21.35 12.50
CA ARG B 69 -15.47 21.59 13.45
C ARG B 69 -16.63 20.65 13.12
N HIS B 70 -16.88 20.47 11.82
CA HIS B 70 -17.95 19.59 11.34
C HIS B 70 -17.60 18.15 11.67
N LEU B 71 -16.31 17.81 11.55
CA LEU B 71 -15.84 16.47 11.83
C LEU B 71 -15.94 16.12 13.32
N LYS B 72 -15.41 17.00 14.16
CA LYS B 72 -15.43 16.80 15.60
C LYS B 72 -16.87 16.60 16.08
N ASN B 73 -17.78 17.41 15.55
CA ASN B 73 -19.19 17.36 15.93
C ASN B 73 -20.06 16.31 15.24
N THR B 74 -19.56 15.72 14.16
CA THR B 74 -20.35 14.71 13.45
C THR B 74 -19.88 13.29 13.73
N TYR B 75 -18.59 13.12 13.98
CA TYR B 75 -18.03 11.79 14.23
C TYR B 75 -17.53 11.60 15.65
N ALA B 76 -18.43 11.06 16.47
CA ALA B 76 -18.17 10.82 17.90
C ALA B 76 -16.81 10.25 18.23
N GLY B 77 -16.55 9.05 17.74
CA GLY B 77 -15.28 8.41 18.03
C GLY B 77 -14.15 8.65 17.04
N LEU B 78 -14.17 9.80 16.37
CA LEU B 78 -13.12 10.14 15.41
C LEU B 78 -11.79 10.15 16.15
N GLN B 79 -10.78 9.52 15.55
CA GLN B 79 -9.46 9.44 16.17
C GLN B 79 -8.36 10.17 15.41
N LEU B 80 -8.51 10.23 14.08
CA LEU B 80 -7.49 10.85 13.25
C LEU B 80 -8.04 11.49 11.98
N VAL B 81 -7.37 12.56 11.55
CA VAL B 81 -7.73 13.23 10.31
C VAL B 81 -6.47 13.28 9.47
N VAL B 82 -6.46 12.46 8.41
CA VAL B 82 -5.33 12.42 7.50
C VAL B 82 -5.53 13.64 6.61
N VAL B 83 -4.52 14.51 6.59
CA VAL B 83 -4.56 15.73 5.81
C VAL B 83 -3.61 15.57 4.61
N ILE B 84 -4.16 15.59 3.40
CA ILE B 84 -3.38 15.45 2.19
C ILE B 84 -3.09 16.85 1.65
N LEU B 85 -1.82 17.14 1.44
CA LEU B 85 -1.43 18.46 0.95
C LEU B 85 -0.51 18.37 -0.25
N PRO B 86 -0.58 19.38 -1.11
CA PRO B 86 0.24 19.42 -2.32
C PRO B 86 1.68 19.81 -2.01
N GLY B 87 1.98 20.15 -0.77
CA GLY B 87 3.33 20.57 -0.49
C GLY B 87 3.38 21.77 0.41
N LYS B 88 4.41 22.57 0.21
CA LYS B 88 4.53 23.72 1.07
C LYS B 88 3.25 24.47 0.83
N THR B 89 2.50 24.64 1.89
CA THR B 89 1.28 25.36 1.80
C THR B 89 1.07 25.88 3.18
N PRO B 90 0.50 27.08 3.22
CA PRO B 90 0.12 27.73 4.47
C PRO B 90 -1.00 26.98 5.19
N VAL B 91 -1.61 26.03 4.50
CA VAL B 91 -2.70 25.24 5.07
C VAL B 91 -2.21 24.51 6.32
N TYR B 92 -0.96 24.12 6.29
CA TYR B 92 -0.31 23.38 7.37
C TYR B 92 -0.49 23.96 8.77
N ALA B 93 0.08 25.14 9.03
CA ALA B 93 -0.06 25.74 10.34
C ALA B 93 -1.53 25.81 10.73
N GLU B 94 -2.41 26.13 9.77
CA GLU B 94 -3.82 26.20 10.09
C GLU B 94 -4.27 24.84 10.61
N VAL B 95 -3.98 23.80 9.85
CA VAL B 95 -4.32 22.44 10.24
C VAL B 95 -3.88 22.19 11.69
N LYS B 96 -2.65 22.58 11.99
CA LYS B 96 -2.11 22.40 13.33
C LYS B 96 -2.70 23.39 14.33
N ARG B 97 -2.85 24.64 13.92
CA ARG B 97 -3.41 25.65 14.82
C ARG B 97 -4.78 25.19 15.30
N VAL B 98 -5.55 24.57 14.41
CA VAL B 98 -6.88 24.10 14.76
C VAL B 98 -6.85 22.82 15.60
N GLY B 99 -6.36 21.74 15.00
CA GLY B 99 -6.28 20.45 15.67
C GLY B 99 -5.42 20.37 16.93
N ASP B 100 -4.32 21.10 16.96
CA ASP B 100 -3.42 21.09 18.11
C ASP B 100 -3.82 22.04 19.22
N THR B 101 -4.06 23.29 18.85
CA THR B 101 -4.39 24.33 19.83
C THR B 101 -5.85 24.72 20.01
N VAL B 102 -6.74 24.28 19.12
CA VAL B 102 -8.13 24.68 19.26
C VAL B 102 -9.18 23.60 19.46
N LEU B 103 -9.35 22.72 18.48
CA LEU B 103 -10.34 21.66 18.59
C LEU B 103 -9.81 20.39 19.25
N GLY B 104 -8.51 20.35 19.54
CA GLY B 104 -7.91 19.18 20.16
C GLY B 104 -8.20 17.95 19.32
N MET B 105 -7.72 17.96 18.07
CA MET B 105 -7.95 16.86 17.16
C MET B 105 -6.65 16.32 16.59
N ALA B 106 -6.51 14.99 16.60
CA ALA B 106 -5.32 14.36 16.07
C ALA B 106 -5.29 14.53 14.56
N THR B 107 -4.18 15.05 14.04
CA THR B 107 -4.03 15.23 12.59
C THR B 107 -2.72 14.60 12.10
N GLN B 108 -2.73 14.15 10.86
CA GLN B 108 -1.55 13.57 10.24
C GLN B 108 -1.54 13.94 8.76
N CYS B 109 -0.64 14.85 8.41
CA CYS B 109 -0.49 15.33 7.04
C CYS B 109 0.41 14.43 6.20
N VAL B 110 0.04 14.30 4.93
CA VAL B 110 0.79 13.48 3.98
C VAL B 110 0.78 14.21 2.65
N GLN B 111 1.91 14.17 1.94
CA GLN B 111 2.02 14.83 0.65
C GLN B 111 1.29 14.10 -0.45
N MET B 112 0.62 14.86 -1.31
CA MET B 112 -0.18 14.28 -2.38
C MET B 112 0.62 13.38 -3.32
N LYS B 113 1.89 13.69 -3.54
CA LYS B 113 2.69 12.85 -4.43
C LYS B 113 2.81 11.43 -3.90
N ASN B 114 2.74 11.29 -2.58
CA ASN B 114 2.86 10.00 -1.96
C ASN B 114 1.53 9.26 -1.90
N VAL B 115 0.47 9.97 -2.27
CA VAL B 115 -0.86 9.39 -2.30
C VAL B 115 -1.16 8.94 -3.74
N GLN B 116 -0.70 9.75 -4.71
CA GLN B 116 -0.90 9.47 -6.13
C GLN B 116 -0.18 8.17 -6.46
N ARG B 117 1.02 8.04 -5.90
CA ARG B 117 1.84 6.85 -6.07
C ARG B 117 2.37 6.50 -4.69
N THR B 118 2.10 5.29 -4.24
CA THR B 118 2.58 4.85 -2.93
C THR B 118 3.68 3.82 -3.07
N THR B 119 4.53 3.76 -2.06
CA THR B 119 5.60 2.78 -1.98
C THR B 119 5.55 2.28 -0.57
N PRO B 120 6.03 1.05 -0.35
CA PRO B 120 6.03 0.47 0.99
C PRO B 120 6.73 1.38 2.00
N GLN B 121 7.83 2.00 1.56
CA GLN B 121 8.59 2.88 2.42
C GLN B 121 7.84 4.12 2.90
N THR B 122 7.20 4.83 1.97
CA THR B 122 6.45 6.03 2.37
C THR B 122 5.26 5.66 3.23
N LEU B 123 4.58 4.56 2.90
CA LEU B 123 3.45 4.13 3.71
C LEU B 123 3.99 3.78 5.09
N SER B 124 5.23 3.30 5.14
CA SER B 124 5.86 2.94 6.42
C SER B 124 6.11 4.22 7.19
N ASN B 125 6.62 5.22 6.49
CA ASN B 125 6.88 6.52 7.09
C ASN B 125 5.61 7.08 7.72
N LEU B 126 4.50 7.00 6.97
CA LEU B 126 3.24 7.53 7.45
C LEU B 126 2.74 6.78 8.69
N CYS B 127 2.86 5.46 8.67
CA CYS B 127 2.42 4.63 9.79
C CYS B 127 3.23 4.90 11.05
N LEU B 128 4.51 5.15 10.88
CA LEU B 128 5.36 5.43 12.01
C LEU B 128 4.98 6.78 12.61
N LYS B 129 4.75 7.76 11.75
CA LYS B 129 4.35 9.10 12.20
C LYS B 129 3.02 8.98 12.91
N ILE B 130 2.09 8.31 12.25
CA ILE B 130 0.76 8.10 12.79
C ILE B 130 0.79 7.37 14.11
N ASN B 131 1.75 6.46 14.27
CA ASN B 131 1.83 5.69 15.50
C ASN B 131 2.31 6.51 16.68
N VAL B 132 3.17 7.48 16.41
CA VAL B 132 3.69 8.35 17.46
C VAL B 132 2.56 9.23 17.99
N LYS B 133 1.54 9.44 17.17
CA LYS B 133 0.43 10.30 17.53
C LYS B 133 -0.65 9.71 18.40
N LEU B 134 -1.06 8.48 18.12
CA LEU B 134 -2.10 7.84 18.90
C LEU B 134 -1.56 7.00 20.05
N GLY B 135 -0.27 6.70 20.00
CA GLY B 135 0.34 5.92 21.06
C GLY B 135 0.59 6.76 22.30
N LYS C 3 -17.19 -0.09 -3.65
CA LYS C 3 -16.59 -0.89 -2.54
C LYS C 3 -15.15 -0.44 -2.29
N GLN C 4 -14.43 -1.25 -1.52
CA GLN C 4 -13.03 -0.99 -1.23
C GLN C 4 -12.26 -1.23 -2.53
N PHE C 5 -11.08 -0.65 -2.64
CA PHE C 5 -10.25 -0.81 -3.81
C PHE C 5 -9.67 -2.23 -3.79
N HIS C 6 -9.40 -2.80 -4.96
CA HIS C 6 -8.82 -4.15 -5.05
C HIS C 6 -7.42 -4.13 -5.64
N THR C 7 -6.43 -4.49 -4.84
CA THR C 7 -5.04 -4.51 -5.28
C THR C 7 -4.72 -5.77 -6.09
N GLY C 8 -3.47 -5.90 -6.51
CA GLY C 8 -3.06 -7.08 -7.26
C GLY C 8 -3.63 -7.27 -8.66
N ILE C 9 -4.66 -6.52 -9.00
CA ILE C 9 -5.25 -6.62 -10.33
C ILE C 9 -4.23 -6.24 -11.38
N GLU C 10 -4.19 -7.01 -12.46
CA GLU C 10 -3.28 -6.75 -13.56
C GLU C 10 -3.99 -7.04 -14.84
N ILE C 11 -4.21 -6.00 -15.65
CA ILE C 11 -4.90 -6.17 -16.91
C ILE C 11 -3.86 -6.30 -18.01
N LYS C 12 -3.74 -7.49 -18.59
CA LYS C 12 -2.75 -7.71 -19.63
C LYS C 12 -3.33 -7.83 -21.01
N VAL C 13 -4.47 -8.51 -21.12
CA VAL C 13 -5.09 -8.69 -22.42
C VAL C 13 -6.43 -7.99 -22.42
N TRP C 14 -6.50 -6.86 -23.11
CA TRP C 14 -7.73 -6.08 -23.19
C TRP C 14 -7.89 -5.54 -24.59
N ALA C 15 -9.14 -5.29 -24.98
CA ALA C 15 -9.40 -4.78 -26.32
C ALA C 15 -10.23 -3.52 -26.29
N ILE C 16 -10.17 -2.75 -27.37
CA ILE C 16 -10.94 -1.53 -27.46
C ILE C 16 -11.90 -1.64 -28.62
N ALA C 17 -13.17 -1.39 -28.34
CA ALA C 17 -14.21 -1.44 -29.35
C ALA C 17 -14.81 -0.04 -29.42
N CYS C 18 -14.59 0.65 -30.54
CA CYS C 18 -15.10 2.01 -30.65
C CYS C 18 -16.32 2.13 -31.56
N PHE C 19 -17.46 2.41 -30.96
CA PHE C 19 -18.68 2.56 -31.72
C PHE C 19 -19.00 4.03 -32.01
N ALA C 20 -18.09 4.91 -31.64
CA ALA C 20 -18.27 6.33 -31.91
C ALA C 20 -17.63 6.49 -33.29
N PRO C 21 -18.10 7.46 -34.08
CA PRO C 21 -17.53 7.65 -35.43
C PRO C 21 -16.01 7.86 -35.37
N GLN C 22 -15.29 7.32 -36.35
CA GLN C 22 -13.85 7.49 -36.37
C GLN C 22 -13.47 8.94 -36.62
N ARG C 23 -14.25 9.62 -37.45
CA ARG C 23 -13.96 11.02 -37.75
C ARG C 23 -14.08 11.87 -36.50
N GLN C 24 -14.69 11.32 -35.47
CA GLN C 24 -14.85 12.07 -34.24
C GLN C 24 -13.92 11.63 -33.13
N CYS C 25 -13.61 10.35 -33.11
CA CYS C 25 -12.73 9.78 -32.11
C CYS C 25 -11.69 9.01 -32.93
N THR C 26 -10.73 9.75 -33.46
CA THR C 26 -9.66 9.21 -34.30
C THR C 26 -8.69 8.30 -33.57
N GLU C 27 -7.93 7.54 -34.36
CA GLU C 27 -6.95 6.61 -33.85
C GLU C 27 -6.03 7.27 -32.83
N VAL C 28 -5.62 8.49 -33.13
CA VAL C 28 -4.72 9.22 -32.24
C VAL C 28 -5.43 9.70 -30.95
N HIS C 29 -6.76 9.79 -30.98
CA HIS C 29 -7.48 10.19 -29.77
C HIS C 29 -7.48 8.99 -28.83
N LEU C 30 -7.67 7.82 -29.41
CA LEU C 30 -7.71 6.58 -28.65
C LEU C 30 -6.37 6.29 -27.99
N LYS C 31 -5.31 6.38 -28.78
CA LYS C 31 -3.94 6.12 -28.33
C LYS C 31 -3.47 7.09 -27.25
N SER C 32 -3.98 8.31 -27.28
CA SER C 32 -3.64 9.31 -26.30
C SER C 32 -4.39 8.92 -25.04
N PHE C 33 -5.65 8.55 -25.22
CA PHE C 33 -6.53 8.12 -24.13
C PHE C 33 -5.95 6.88 -23.45
N THR C 34 -5.60 5.89 -24.27
CA THR C 34 -5.02 4.65 -23.79
C THR C 34 -3.83 4.89 -22.88
N GLU C 35 -2.94 5.76 -23.32
CA GLU C 35 -1.74 6.04 -22.56
C GLU C 35 -2.03 6.77 -21.23
N GLN C 36 -3.00 7.67 -21.24
CA GLN C 36 -3.35 8.40 -20.02
C GLN C 36 -4.04 7.44 -19.06
N LEU C 37 -4.76 6.47 -19.62
CA LEU C 37 -5.44 5.47 -18.79
C LEU C 37 -4.37 4.56 -18.19
N ARG C 38 -3.41 4.18 -19.02
CA ARG C 38 -2.32 3.33 -18.61
C ARG C 38 -1.58 3.96 -17.42
N LYS C 39 -1.26 5.25 -17.53
CA LYS C 39 -0.53 5.96 -16.49
C LYS C 39 -1.21 6.05 -15.12
N ILE C 40 -2.47 6.49 -15.08
CA ILE C 40 -3.15 6.59 -13.80
C ILE C 40 -3.47 5.21 -13.20
N SER C 41 -3.70 4.22 -14.06
CA SER C 41 -4.00 2.88 -13.57
C SER C 41 -2.77 2.30 -12.91
N ARG C 42 -1.61 2.48 -13.54
CA ARG C 42 -0.37 1.99 -12.99
C ARG C 42 -0.16 2.58 -11.60
N ASP C 43 -0.30 3.90 -11.52
CA ASP C 43 -0.13 4.59 -10.27
C ASP C 43 -1.09 4.10 -9.19
N ALA C 44 -2.29 3.69 -9.59
CA ALA C 44 -3.27 3.22 -8.62
C ALA C 44 -3.08 1.77 -8.21
N GLY C 45 -2.07 1.10 -8.75
CA GLY C 45 -1.85 -0.28 -8.38
C GLY C 45 -2.74 -1.30 -9.09
N MET C 46 -3.39 -0.89 -10.19
CA MET C 46 -4.23 -1.79 -10.97
C MET C 46 -3.86 -1.55 -12.43
N PRO C 47 -2.56 -1.68 -12.72
CA PRO C 47 -1.96 -1.48 -14.05
C PRO C 47 -2.61 -2.12 -15.26
N ILE C 48 -2.85 -1.30 -16.28
CA ILE C 48 -3.40 -1.77 -17.53
C ILE C 48 -2.22 -1.70 -18.48
N GLN C 49 -1.86 -2.83 -19.07
CA GLN C 49 -0.74 -2.82 -20.00
C GLN C 49 -1.08 -1.88 -21.16
N GLY C 50 -0.12 -1.04 -21.53
CA GLY C 50 -0.35 -0.07 -22.59
C GLY C 50 -0.60 -0.55 -24.00
N GLN C 51 -0.96 -1.82 -24.19
CA GLN C 51 -1.20 -2.27 -25.55
C GLN C 51 -2.41 -3.19 -25.71
N PRO C 52 -3.55 -2.64 -26.14
CA PRO C 52 -4.75 -3.46 -26.33
C PRO C 52 -4.48 -4.45 -27.47
N CYS C 53 -4.88 -5.70 -27.26
CA CYS C 53 -4.69 -6.75 -28.24
C CYS C 53 -5.52 -6.56 -29.51
N PHE C 54 -6.52 -5.68 -29.43
CA PHE C 54 -7.43 -5.44 -30.55
C PHE C 54 -8.01 -4.03 -30.40
N CYS C 55 -8.20 -3.35 -31.52
CA CYS C 55 -8.76 -2.01 -31.48
C CYS C 55 -9.40 -1.65 -32.82
N LYS C 56 -10.71 -1.78 -32.92
CA LYS C 56 -11.40 -1.45 -34.16
C LYS C 56 -12.69 -0.68 -33.98
N TYR C 57 -13.09 0.01 -35.05
CA TYR C 57 -14.32 0.80 -35.08
C TYR C 57 -15.48 -0.02 -35.63
N ALA C 58 -16.69 0.28 -35.16
CA ALA C 58 -17.90 -0.38 -35.63
C ALA C 58 -19.08 0.57 -35.46
N GLN C 59 -20.11 0.39 -36.27
CA GLN C 59 -21.29 1.25 -36.19
C GLN C 59 -22.56 0.47 -35.89
N GLY C 60 -23.38 0.99 -34.98
CA GLY C 60 -24.64 0.36 -34.64
C GLY C 60 -24.63 -0.87 -33.74
N ALA C 61 -25.67 -0.97 -32.93
CA ALA C 61 -25.81 -2.08 -31.99
C ALA C 61 -25.72 -3.42 -32.71
N ASP C 62 -26.16 -3.47 -33.95
CA ASP C 62 -26.14 -4.70 -34.74
C ASP C 62 -24.74 -5.24 -35.04
N SER C 63 -23.70 -4.46 -34.79
CA SER C 63 -22.35 -4.93 -35.03
C SER C 63 -21.69 -5.40 -33.73
N VAL C 64 -22.32 -5.08 -32.60
CA VAL C 64 -21.80 -5.46 -31.28
C VAL C 64 -21.49 -6.95 -31.15
N GLU C 65 -22.49 -7.81 -31.22
CA GLU C 65 -22.28 -9.26 -31.07
C GLU C 65 -21.29 -9.88 -32.06
N PRO C 66 -21.38 -9.52 -33.35
CA PRO C 66 -20.45 -10.08 -34.33
C PRO C 66 -18.99 -9.84 -33.94
N MET C 67 -18.71 -8.63 -33.47
CA MET C 67 -17.36 -8.25 -33.07
C MET C 67 -17.01 -8.90 -31.73
N PHE C 68 -17.95 -8.89 -30.79
CA PHE C 68 -17.73 -9.48 -29.48
C PHE C 68 -17.45 -10.99 -29.54
N ARG C 69 -18.09 -11.68 -30.49
CA ARG C 69 -17.87 -13.12 -30.62
C ARG C 69 -16.46 -13.35 -31.10
N HIS C 70 -16.06 -12.58 -32.11
CA HIS C 70 -14.73 -12.66 -32.68
C HIS C 70 -13.69 -12.42 -31.58
N LEU C 71 -13.94 -11.43 -30.72
CA LEU C 71 -13.00 -11.13 -29.64
C LEU C 71 -12.86 -12.27 -28.63
N LYS C 72 -13.99 -12.91 -28.28
CA LYS C 72 -13.96 -14.00 -27.33
C LYS C 72 -13.37 -15.29 -27.93
N ASN C 73 -13.66 -15.55 -29.21
CA ASN C 73 -13.16 -16.74 -29.89
C ASN C 73 -11.70 -16.61 -30.27
N THR C 74 -11.27 -15.38 -30.48
CA THR C 74 -9.91 -15.11 -30.91
C THR C 74 -8.87 -14.82 -29.83
N TYR C 75 -9.22 -14.01 -28.84
CA TYR C 75 -8.26 -13.68 -27.80
C TYR C 75 -8.47 -14.39 -26.48
N ALA C 76 -7.85 -15.57 -26.36
CA ALA C 76 -7.93 -16.35 -25.14
C ALA C 76 -7.25 -15.50 -24.08
N GLY C 77 -7.85 -15.43 -22.89
CA GLY C 77 -7.27 -14.62 -21.83
C GLY C 77 -7.87 -13.22 -21.76
N LEU C 78 -8.64 -12.85 -22.79
CA LEU C 78 -9.26 -11.53 -22.82
C LEU C 78 -9.90 -11.26 -21.47
N GLN C 79 -9.48 -10.19 -20.82
CA GLN C 79 -10.02 -9.86 -19.49
C GLN C 79 -11.05 -8.75 -19.55
N LEU C 80 -10.92 -7.87 -20.53
CA LEU C 80 -11.84 -6.75 -20.61
C LEU C 80 -11.93 -6.14 -22.01
N VAL C 81 -13.07 -5.51 -22.27
CA VAL C 81 -13.27 -4.83 -23.53
C VAL C 81 -13.79 -3.43 -23.19
N VAL C 82 -13.02 -2.42 -23.56
CA VAL C 82 -13.36 -1.03 -23.33
C VAL C 82 -14.19 -0.56 -24.50
N VAL C 83 -15.46 -0.28 -24.23
CA VAL C 83 -16.38 0.16 -25.27
C VAL C 83 -16.54 1.67 -25.29
N ILE C 84 -16.29 2.28 -26.44
CA ILE C 84 -16.44 3.72 -26.59
C ILE C 84 -17.82 3.94 -27.19
N LEU C 85 -18.69 4.63 -26.45
CA LEU C 85 -20.06 4.84 -26.91
C LEU C 85 -20.34 6.22 -27.51
N PRO C 86 -21.09 6.25 -28.64
CA PRO C 86 -21.45 7.48 -29.34
C PRO C 86 -22.64 8.15 -28.67
N GLY C 87 -22.39 8.75 -27.51
CA GLY C 87 -23.46 9.42 -26.80
C GLY C 87 -24.47 8.43 -26.20
N LYS C 88 -25.74 8.67 -26.47
CA LYS C 88 -26.79 7.79 -25.97
C LYS C 88 -27.39 7.02 -27.13
N THR C 89 -27.16 5.70 -27.15
CA THR C 89 -27.68 4.87 -28.22
C THR C 89 -27.95 3.44 -27.79
N PRO C 90 -28.68 2.69 -28.62
CA PRO C 90 -28.98 1.29 -28.32
C PRO C 90 -27.71 0.47 -28.19
N VAL C 91 -26.57 1.05 -28.56
CA VAL C 91 -25.31 0.29 -28.46
C VAL C 91 -25.04 -0.17 -27.03
N TYR C 92 -25.22 0.72 -26.07
CA TYR C 92 -24.99 0.35 -24.68
C TYR C 92 -25.78 -0.90 -24.24
N ALA C 93 -27.10 -0.87 -24.42
CA ALA C 93 -27.91 -2.02 -24.01
C ALA C 93 -27.48 -3.31 -24.72
N GLU C 94 -27.12 -3.21 -26.00
CA GLU C 94 -26.69 -4.37 -26.77
C GLU C 94 -25.37 -4.87 -26.21
N VAL C 95 -24.48 -3.94 -25.87
CA VAL C 95 -23.20 -4.30 -25.31
C VAL C 95 -23.35 -5.09 -24.03
N LYS C 96 -24.29 -4.68 -23.20
CA LYS C 96 -24.48 -5.38 -21.94
C LYS C 96 -25.18 -6.72 -22.15
N ARG C 97 -26.17 -6.74 -23.03
CA ARG C 97 -26.87 -7.99 -23.31
C ARG C 97 -25.89 -9.02 -23.85
N VAL C 98 -25.03 -8.62 -24.79
CA VAL C 98 -24.07 -9.57 -25.34
C VAL C 98 -22.97 -9.88 -24.35
N GLY C 99 -22.41 -8.84 -23.75
CA GLY C 99 -21.35 -9.04 -22.78
C GLY C 99 -21.73 -9.82 -21.52
N ASP C 100 -22.87 -9.50 -20.92
CA ASP C 100 -23.27 -10.21 -19.70
C ASP C 100 -24.14 -11.46 -19.86
N THR C 101 -24.99 -11.47 -20.88
CA THR C 101 -25.90 -12.59 -21.08
C THR C 101 -25.52 -13.61 -22.15
N VAL C 102 -25.20 -13.14 -23.35
CA VAL C 102 -24.86 -14.06 -24.42
C VAL C 102 -23.49 -14.73 -24.32
N LEU C 103 -22.44 -13.94 -24.13
CA LEU C 103 -21.08 -14.47 -24.09
C LEU C 103 -20.32 -14.48 -22.76
N GLY C 104 -20.72 -13.64 -21.81
CA GLY C 104 -20.02 -13.61 -20.52
C GLY C 104 -18.62 -13.00 -20.59
N MET C 105 -18.51 -11.81 -21.18
CA MET C 105 -17.24 -11.11 -21.29
C MET C 105 -17.32 -9.81 -20.51
N ALA C 106 -16.29 -9.49 -19.74
CA ALA C 106 -16.27 -8.25 -18.97
C ALA C 106 -16.14 -7.07 -19.93
N THR C 107 -17.04 -6.10 -19.81
CA THR C 107 -17.01 -4.92 -20.66
C THR C 107 -17.08 -3.66 -19.80
N GLN C 108 -16.48 -2.59 -20.29
CA GLN C 108 -16.49 -1.32 -19.58
C GLN C 108 -16.74 -0.24 -20.59
N CYS C 109 -17.89 0.42 -20.46
CA CYS C 109 -18.27 1.48 -21.39
C CYS C 109 -17.76 2.84 -20.99
N VAL C 110 -17.47 3.66 -22.00
CA VAL C 110 -17.01 5.01 -21.77
C VAL C 110 -17.49 5.94 -22.87
N GLN C 111 -17.89 7.15 -22.47
CA GLN C 111 -18.40 8.14 -23.42
C GLN C 111 -17.30 8.69 -24.33
N MET C 112 -17.68 8.96 -25.57
CA MET C 112 -16.75 9.50 -26.57
C MET C 112 -16.09 10.82 -26.15
N LYS C 113 -16.88 11.72 -25.55
CA LYS C 113 -16.35 13.01 -25.10
C LYS C 113 -15.25 12.84 -24.07
N ASN C 114 -15.34 11.79 -23.26
CA ASN C 114 -14.34 11.53 -22.24
C ASN C 114 -13.09 10.91 -22.81
N VAL C 115 -13.13 10.55 -24.07
CA VAL C 115 -11.95 10.01 -24.73
C VAL C 115 -11.34 11.17 -25.51
N GLN C 116 -12.21 11.95 -26.16
CA GLN C 116 -11.75 13.09 -26.94
C GLN C 116 -10.97 14.00 -26.01
N ARG C 117 -11.53 14.28 -24.85
CA ARG C 117 -10.84 15.10 -23.88
C ARG C 117 -10.96 14.51 -22.48
N THR C 118 -9.92 13.77 -22.12
CA THR C 118 -9.85 13.13 -20.83
C THR C 118 -9.49 14.17 -19.77
N THR C 119 -9.57 13.75 -18.52
CA THR C 119 -9.20 14.59 -17.39
C THR C 119 -8.97 13.55 -16.30
N PRO C 120 -8.19 13.90 -15.28
CA PRO C 120 -7.92 12.94 -14.19
C PRO C 120 -9.18 12.32 -13.56
N GLN C 121 -10.22 13.11 -13.36
CA GLN C 121 -11.44 12.60 -12.75
C GLN C 121 -12.13 11.50 -13.56
N THR C 122 -12.37 11.76 -14.84
CA THR C 122 -13.03 10.78 -15.68
C THR C 122 -12.20 9.50 -15.86
N LEU C 123 -10.88 9.63 -15.92
CA LEU C 123 -10.04 8.44 -16.04
C LEU C 123 -10.21 7.66 -14.73
N SER C 124 -10.24 8.41 -13.62
CA SER C 124 -10.41 7.85 -12.27
C SER C 124 -11.72 7.05 -12.17
N ASN C 125 -12.85 7.67 -12.54
CA ASN C 125 -14.13 6.98 -12.46
C ASN C 125 -13.98 5.66 -13.19
N LEU C 126 -13.38 5.73 -14.38
CA LEU C 126 -13.19 4.56 -15.22
C LEU C 126 -12.38 3.47 -14.53
N CYS C 127 -11.26 3.84 -13.90
CA CYS C 127 -10.44 2.86 -13.20
C CYS C 127 -11.19 2.21 -12.05
N LEU C 128 -11.95 3.04 -11.32
CA LEU C 128 -12.72 2.55 -10.19
C LEU C 128 -13.76 1.53 -10.65
N LYS C 129 -14.39 1.80 -11.78
CA LYS C 129 -15.39 0.89 -12.33
C LYS C 129 -14.74 -0.43 -12.76
N ILE C 130 -13.59 -0.32 -13.39
CA ILE C 130 -12.88 -1.50 -13.86
C ILE C 130 -12.46 -2.36 -12.69
N ASN C 131 -11.90 -1.70 -11.68
CA ASN C 131 -11.44 -2.40 -10.50
C ASN C 131 -12.54 -3.22 -9.84
N VAL C 132 -13.77 -2.72 -9.92
CA VAL C 132 -14.90 -3.43 -9.34
C VAL C 132 -15.27 -4.61 -10.22
N LYS C 133 -15.16 -4.43 -11.53
CA LYS C 133 -15.48 -5.49 -12.48
C LYS C 133 -14.49 -6.64 -12.44
N LEU C 134 -13.20 -6.31 -12.39
CA LEU C 134 -12.20 -7.36 -12.36
C LEU C 134 -11.79 -7.68 -10.94
N GLY C 135 -12.56 -7.17 -9.99
CA GLY C 135 -12.26 -7.41 -8.58
C GLY C 135 -12.90 -8.67 -8.05
#